data_1ITO
#
_entry.id   1ITO
#
_cell.length_a   72.578
_cell.length_b   72.578
_cell.length_c   141.835
_cell.angle_alpha   90
_cell.angle_beta   90
_cell.angle_gamma   90
#
_symmetry.space_group_name_H-M   'P 43 21 2'
#
loop_
_entity.id
_entity.type
_entity.pdbx_description
1 polymer 'Cathepsin B'
2 non-polymer N-[1-HYDROXYCARBOXYETHYL-CARBONYL]LEUCYLAMINO-2-METHYL-BUTANE
3 water water
#
_entity_poly.entity_id   1
_entity_poly.type   'polypeptide(L)'
_entity_poly.pdbx_seq_one_letter_code
;LPESFDAREQWPNCPTIKEIRDQGSCGSCWAFGAVEAISDRICIHSNGRVNVEVSAEDMLTCCGGECGDGCNGGFPSGAW
NFWTKKGLVSGGLYNSHVGCRPYSIPPCEHHVNGSRPPCTGEGDTPKCSKTCEPGYSPSYKEDKHFGCSSYSVANNEKEI
MAEIYKNGPVEGAFSVYSDFLLYKSGVYQHVSGEIMGGHAIRILGWGVENGTPYWLVGNSWNTDWGDNGFFKILRGQDHC
GIESEIVAGMPCTHQY
;
_entity_poly.pdbx_strand_id   A
#
# COMPACT_ATOMS: atom_id res chain seq x y z
N LEU A 1 -19.67 14.80 4.76
CA LEU A 1 -19.06 13.44 4.71
C LEU A 1 -20.00 12.39 5.28
N PRO A 2 -20.19 11.26 4.55
CA PRO A 2 -21.06 10.17 4.98
C PRO A 2 -20.46 9.40 6.15
N GLU A 3 -21.29 8.69 6.90
CA GLU A 3 -20.82 7.93 8.05
C GLU A 3 -19.94 6.75 7.64
N SER A 4 -20.13 6.27 6.42
CA SER A 4 -19.35 5.15 5.90
C SER A 4 -18.91 5.42 4.47
N PHE A 5 -17.86 4.74 4.04
CA PHE A 5 -17.32 4.94 2.69
C PHE A 5 -16.35 3.84 2.30
N ASP A 6 -16.64 3.18 1.18
CA ASP A 6 -15.77 2.12 0.69
C ASP A 6 -15.35 2.48 -0.73
N ALA A 7 -14.06 2.73 -0.93
CA ALA A 7 -13.53 3.10 -2.24
C ALA A 7 -13.77 1.99 -3.26
N ARG A 8 -13.81 0.75 -2.78
CA ARG A 8 -14.01 -0.41 -3.64
C ARG A 8 -15.37 -0.33 -4.33
N GLU A 9 -16.36 0.20 -3.62
CA GLU A 9 -17.70 0.33 -4.16
C GLU A 9 -17.98 1.68 -4.82
N GLN A 10 -17.23 2.71 -4.43
CA GLN A 10 -17.41 4.03 -5.01
C GLN A 10 -16.76 4.14 -6.40
N TRP A 11 -15.77 3.29 -6.66
CA TRP A 11 -15.08 3.28 -7.94
C TRP A 11 -15.03 1.86 -8.52
N PRO A 12 -16.19 1.33 -8.96
CA PRO A 12 -16.30 -0.01 -9.54
C PRO A 12 -15.37 -0.29 -10.72
N ASN A 13 -15.00 0.75 -11.46
CA ASN A 13 -14.13 0.57 -12.62
C ASN A 13 -12.65 0.52 -12.30
N CYS A 14 -12.33 0.52 -11.01
CA CYS A 14 -10.95 0.47 -10.58
C CYS A 14 -10.74 -0.74 -9.68
N PRO A 15 -10.49 -1.89 -10.30
CA PRO A 15 -10.28 -3.17 -9.62
C PRO A 15 -9.10 -3.21 -8.65
N THR A 16 -8.01 -2.53 -8.97
CA THR A 16 -6.85 -2.55 -8.06
C THR A 16 -7.24 -2.15 -6.65
N ILE A 17 -8.27 -1.34 -6.51
CA ILE A 17 -8.71 -0.89 -5.18
C ILE A 17 -9.10 -2.06 -4.27
N LYS A 18 -9.49 -3.18 -4.86
CA LYS A 18 -9.87 -4.32 -4.05
C LYS A 18 -8.83 -5.43 -4.00
N GLU A 19 -7.70 -5.26 -4.68
CA GLU A 19 -6.67 -6.30 -4.65
C GLU A 19 -5.71 -6.13 -3.48
N ILE A 20 -5.28 -7.26 -2.94
CA ILE A 20 -4.35 -7.30 -1.82
C ILE A 20 -3.06 -7.93 -2.34
N ARG A 21 -1.92 -7.31 -2.08
CA ARG A 21 -0.66 -7.86 -2.54
C ARG A 21 0.10 -8.51 -1.39
N ASP A 22 1.31 -8.99 -1.68
CA ASP A 22 2.14 -9.65 -0.68
C ASP A 22 3.58 -9.16 -0.82
N GLN A 23 4.07 -8.49 0.22
CA GLN A 23 5.41 -7.96 0.20
C GLN A 23 6.50 -9.04 0.33
N GLY A 24 6.09 -10.25 0.67
CA GLY A 24 7.06 -11.33 0.84
C GLY A 24 7.98 -11.08 2.02
N SER A 25 9.09 -11.80 2.09
CA SER A 25 10.06 -11.64 3.17
C SER A 25 10.96 -10.43 2.93
N CYS A 26 10.35 -9.26 2.97
CA CYS A 26 11.07 -8.01 2.73
C CYS A 26 10.30 -6.88 3.39
N GLY A 27 11.02 -5.99 4.08
CA GLY A 27 10.37 -4.87 4.75
C GLY A 27 10.08 -3.76 3.75
N SER A 28 9.31 -4.08 2.72
CA SER A 28 9.01 -3.11 1.68
C SER A 28 7.61 -2.48 1.77
N CYS A 29 6.98 -2.58 2.93
CA CYS A 29 5.64 -2.02 3.09
C CYS A 29 5.57 -0.56 2.65
N TRP A 30 6.61 0.21 2.94
CA TRP A 30 6.63 1.62 2.55
C TRP A 30 6.36 1.75 1.05
N ALA A 31 6.92 0.83 0.26
CA ALA A 31 6.74 0.88 -1.18
C ALA A 31 5.37 0.33 -1.62
N PHE A 32 4.83 -0.62 -0.87
CA PHE A 32 3.54 -1.17 -1.23
C PHE A 32 2.38 -0.23 -0.96
N GLY A 33 2.34 0.36 0.24
CA GLY A 33 1.25 1.28 0.53
C GLY A 33 1.16 2.32 -0.58
N ALA A 34 2.33 2.73 -1.06
CA ALA A 34 2.45 3.72 -2.11
C ALA A 34 1.95 3.27 -3.48
N VAL A 35 2.60 2.26 -4.05
CA VAL A 35 2.21 1.80 -5.37
C VAL A 35 0.76 1.34 -5.44
N GLU A 36 0.25 0.80 -4.34
CA GLU A 36 -1.14 0.36 -4.32
C GLU A 36 -2.07 1.58 -4.44
N ALA A 37 -1.85 2.57 -3.57
CA ALA A 37 -2.67 3.78 -3.58
C ALA A 37 -2.51 4.53 -4.89
N ILE A 38 -1.28 4.57 -5.39
CA ILE A 38 -0.99 5.26 -6.64
C ILE A 38 -1.74 4.59 -7.80
N SER A 39 -1.75 3.26 -7.82
CA SER A 39 -2.46 2.52 -8.85
C SER A 39 -3.92 2.92 -8.83
N ASP A 40 -4.51 2.93 -7.64
CA ASP A 40 -5.90 3.29 -7.49
C ASP A 40 -6.16 4.69 -8.07
N ARG A 41 -5.31 5.64 -7.68
CA ARG A 41 -5.47 7.02 -8.14
C ARG A 41 -5.25 7.23 -9.63
N ILE A 42 -4.39 6.42 -10.23
CA ILE A 42 -4.15 6.55 -11.66
C ILE A 42 -5.43 6.14 -12.36
N CYS A 43 -6.10 5.16 -11.78
CA CYS A 43 -7.36 4.67 -12.35
C CYS A 43 -8.53 5.62 -12.09
N ILE A 44 -8.52 6.27 -10.93
CA ILE A 44 -9.59 7.19 -10.57
C ILE A 44 -9.55 8.52 -11.30
N HIS A 45 -8.35 9.04 -11.54
CA HIS A 45 -8.21 10.33 -12.21
C HIS A 45 -7.86 10.25 -13.68
N SER A 46 -8.22 9.13 -14.29
CA SER A 46 -8.01 8.90 -15.71
C SER A 46 -9.13 7.96 -16.15
N ASN A 47 -10.37 8.41 -15.99
CA ASN A 47 -11.54 7.62 -16.37
C ASN A 47 -12.57 8.51 -17.04
N VAL A 50 -8.03 3.90 -17.35
CA VAL A 50 -6.84 3.08 -17.54
C VAL A 50 -6.48 2.30 -16.27
N ASN A 51 -6.49 0.99 -16.37
CA ASN A 51 -6.16 0.11 -15.24
C ASN A 51 -4.70 -0.31 -15.35
N VAL A 52 -3.88 0.07 -14.37
CA VAL A 52 -2.47 -0.26 -14.39
C VAL A 52 -1.91 -0.58 -13.01
N GLU A 53 -1.27 -1.74 -12.89
CA GLU A 53 -0.69 -2.12 -11.62
C GLU A 53 0.73 -1.57 -11.58
N VAL A 54 0.92 -0.52 -10.80
CA VAL A 54 2.24 0.11 -10.67
C VAL A 54 3.22 -0.86 -10.03
N SER A 55 4.41 -0.94 -10.60
CA SER A 55 5.44 -1.85 -10.11
C SER A 55 6.00 -1.50 -8.73
N ALA A 56 5.79 -2.40 -7.79
CA ALA A 56 6.30 -2.25 -6.44
C ALA A 56 7.81 -2.47 -6.54
N GLU A 57 8.17 -3.32 -7.50
CA GLU A 57 9.56 -3.68 -7.79
C GLU A 57 10.35 -2.44 -8.17
N ASP A 58 9.78 -1.59 -9.01
CA ASP A 58 10.45 -0.38 -9.47
C ASP A 58 10.68 0.59 -8.31
N MET A 59 9.68 0.75 -7.46
CA MET A 59 9.75 1.65 -6.31
C MET A 59 10.80 1.19 -5.30
N LEU A 60 10.65 -0.05 -4.85
CA LEU A 60 11.53 -0.67 -3.86
C LEU A 60 13.01 -0.68 -4.26
N THR A 61 13.28 -0.92 -5.54
CA THR A 61 14.66 -1.03 -6.03
C THR A 61 15.32 0.19 -6.64
N CYS A 62 14.54 1.12 -7.19
CA CYS A 62 15.16 2.27 -7.84
C CYS A 62 15.03 3.62 -7.16
N CYS A 63 14.29 3.70 -6.06
CA CYS A 63 14.17 4.99 -5.39
C CYS A 63 15.48 5.40 -4.70
N GLY A 64 16.13 4.45 -4.04
CA GLY A 64 17.37 4.76 -3.35
C GLY A 64 17.23 5.39 -1.98
N GLY A 65 18.28 6.07 -1.53
CA GLY A 65 18.29 6.70 -0.22
C GLY A 65 17.19 7.71 0.07
N GLU A 66 16.62 8.28 -0.99
CA GLU A 66 15.56 9.26 -0.83
C GLU A 66 14.33 8.62 -0.17
N CYS A 67 14.20 7.30 -0.28
CA CYS A 67 13.07 6.56 0.30
C CYS A 67 13.45 5.72 1.50
N GLY A 68 14.74 5.65 1.82
CA GLY A 68 15.12 4.84 2.96
C GLY A 68 16.13 3.77 2.63
N ASP A 69 15.82 2.52 3.00
CA ASP A 69 16.76 1.44 2.79
C ASP A 69 16.17 0.16 2.21
N GLY A 70 15.48 0.26 1.07
CA GLY A 70 14.90 -0.91 0.43
C GLY A 70 14.12 -1.85 1.32
N CYS A 71 14.54 -3.12 1.36
CA CYS A 71 13.86 -4.12 2.19
C CYS A 71 14.07 -3.88 3.69
N ASN A 72 14.90 -2.88 4.01
CA ASN A 72 15.18 -2.53 5.40
C ASN A 72 14.23 -1.46 5.90
N GLY A 73 13.30 -1.02 5.04
CA GLY A 73 12.35 -0.02 5.44
C GLY A 73 12.57 1.33 4.78
N GLY A 74 11.51 2.13 4.68
CA GLY A 74 11.64 3.42 4.04
C GLY A 74 10.66 4.49 4.49
N PHE A 75 10.68 5.61 3.79
CA PHE A 75 9.83 6.76 4.10
C PHE A 75 8.73 6.89 3.04
N PRO A 76 7.48 6.62 3.43
CA PRO A 76 6.31 6.69 2.55
C PRO A 76 6.25 7.93 1.66
N SER A 77 6.35 9.11 2.27
CA SER A 77 6.27 10.34 1.50
C SER A 77 7.40 10.43 0.48
N GLY A 78 8.50 9.72 0.73
CA GLY A 78 9.62 9.74 -0.20
C GLY A 78 9.24 8.99 -1.46
N ALA A 79 8.49 7.90 -1.28
CA ALA A 79 8.04 7.05 -2.38
C ALA A 79 7.14 7.84 -3.33
N TRP A 80 6.24 8.65 -2.78
CA TRP A 80 5.35 9.46 -3.62
C TRP A 80 6.16 10.54 -4.33
N ASN A 81 7.27 10.95 -3.71
CA ASN A 81 8.15 11.97 -4.29
C ASN A 81 8.86 11.36 -5.50
N PHE A 82 9.32 10.14 -5.34
CA PHE A 82 10.01 9.44 -6.42
C PHE A 82 9.08 9.30 -7.63
N TRP A 83 7.79 9.09 -7.36
CA TRP A 83 6.78 8.96 -8.40
C TRP A 83 6.66 10.25 -9.23
N THR A 84 6.79 11.40 -8.57
CA THR A 84 6.71 12.68 -9.27
C THR A 84 8.05 13.05 -9.94
N LYS A 85 9.13 12.46 -9.45
CA LYS A 85 10.45 12.75 -10.01
C LYS A 85 10.83 11.83 -11.17
N LYS A 86 10.84 10.52 -10.91
CA LYS A 86 11.22 9.54 -11.93
C LYS A 86 10.05 8.77 -12.53
N GLY A 87 8.91 8.76 -11.84
CA GLY A 87 7.78 8.03 -12.34
C GLY A 87 7.93 6.56 -11.98
N LEU A 88 6.89 5.77 -12.29
CA LEU A 88 6.90 4.34 -12.00
C LEU A 88 6.40 3.52 -13.18
N VAL A 89 7.04 2.39 -13.43
CA VAL A 89 6.62 1.52 -14.53
C VAL A 89 5.60 0.54 -13.98
N SER A 90 4.97 -0.22 -14.87
CA SER A 90 3.97 -1.19 -14.48
C SER A 90 4.67 -2.47 -14.03
N GLY A 91 3.97 -3.29 -13.27
CA GLY A 91 4.53 -4.53 -12.79
C GLY A 91 3.53 -5.23 -11.91
N GLY A 92 3.26 -6.49 -12.21
CA GLY A 92 2.30 -7.26 -11.45
C GLY A 92 2.87 -8.10 -10.33
N LEU A 93 2.09 -9.09 -9.92
CA LEU A 93 2.47 -9.99 -8.84
C LEU A 93 3.65 -10.87 -9.21
N TYR A 94 4.25 -11.49 -8.20
CA TYR A 94 5.38 -12.37 -8.41
C TYR A 94 4.96 -13.51 -9.33
N ASN A 95 5.83 -13.80 -10.30
CA ASN A 95 5.59 -14.88 -11.25
C ASN A 95 4.40 -14.65 -12.16
N SER A 96 3.85 -13.44 -12.15
CA SER A 96 2.68 -13.13 -12.97
C SER A 96 3.02 -12.84 -14.43
N HIS A 97 4.22 -12.31 -14.67
CA HIS A 97 4.65 -11.95 -16.01
C HIS A 97 3.81 -10.80 -16.54
N VAL A 98 3.24 -10.02 -15.62
CA VAL A 98 2.43 -8.86 -15.99
C VAL A 98 3.21 -7.56 -15.76
N GLY A 99 3.15 -6.67 -16.74
CA GLY A 99 3.83 -5.40 -16.63
C GLY A 99 5.31 -5.37 -16.93
N CYS A 100 5.87 -4.18 -16.90
CA CYS A 100 7.29 -4.00 -17.18
C CYS A 100 8.16 -4.72 -16.16
N ARG A 101 7.90 -4.50 -14.87
CA ARG A 101 8.68 -5.15 -13.81
C ARG A 101 7.85 -5.81 -12.71
N PRO A 102 7.55 -7.11 -12.86
CA PRO A 102 6.76 -7.87 -11.89
C PRO A 102 7.56 -7.99 -10.59
N TYR A 103 6.87 -8.19 -9.46
CA TYR A 103 7.56 -8.32 -8.18
C TYR A 103 8.46 -9.56 -8.19
N SER A 104 9.67 -9.44 -7.67
CA SER A 104 10.61 -10.56 -7.69
C SER A 104 10.72 -11.33 -6.39
N ILE A 105 10.05 -10.84 -5.35
CA ILE A 105 10.09 -11.49 -4.07
C ILE A 105 8.90 -12.41 -3.87
N PRO A 106 9.14 -13.70 -3.63
CA PRO A 106 8.12 -14.74 -3.43
C PRO A 106 7.14 -14.47 -2.29
N PRO A 107 5.86 -14.80 -2.48
CA PRO A 107 4.82 -14.60 -1.44
C PRO A 107 5.06 -15.62 -0.32
N CYS A 108 4.56 -15.32 0.87
CA CYS A 108 4.75 -16.22 1.99
C CYS A 108 3.68 -16.07 3.06
N GLU A 109 3.68 -16.96 4.05
CA GLU A 109 2.70 -16.91 5.11
C GLU A 109 3.12 -15.91 6.19
N HIS A 110 2.25 -14.93 6.42
CA HIS A 110 2.49 -13.88 7.41
C HIS A 110 1.67 -14.17 8.68
N HIS A 111 2.30 -14.88 9.62
CA HIS A 111 1.66 -15.22 10.90
C HIS A 111 0.37 -16.00 10.78
N VAL A 112 0.29 -16.85 9.77
CA VAL A 112 -0.87 -17.70 9.54
C VAL A 112 -0.36 -18.97 8.90
N ASN A 113 -1.17 -20.02 8.89
CA ASN A 113 -0.77 -21.27 8.29
C ASN A 113 -1.33 -21.37 6.87
N GLY A 114 -0.54 -21.96 5.97
CA GLY A 114 -0.97 -22.08 4.60
C GLY A 114 -0.04 -22.95 3.77
N SER A 115 -0.29 -23.00 2.48
CA SER A 115 0.51 -23.80 1.55
C SER A 115 1.79 -23.09 1.13
N ARG A 116 1.94 -21.85 1.56
CA ARG A 116 3.12 -21.05 1.23
C ARG A 116 4.18 -21.16 2.31
N PRO A 117 5.45 -20.90 1.96
CA PRO A 117 6.53 -20.98 2.95
C PRO A 117 6.33 -19.86 3.97
N PRO A 118 6.72 -20.09 5.23
CA PRO A 118 6.53 -19.01 6.19
C PRO A 118 7.41 -17.84 5.79
N CYS A 119 7.01 -16.63 6.16
CA CYS A 119 7.82 -15.48 5.83
C CYS A 119 9.03 -15.46 6.76
N THR A 120 10.17 -15.04 6.23
CA THR A 120 11.41 -14.95 6.99
C THR A 120 11.98 -13.58 6.68
N GLY A 121 11.74 -12.64 7.59
CA GLY A 121 12.20 -11.27 7.42
C GLY A 121 13.51 -11.00 6.69
N GLU A 122 14.32 -12.04 6.47
CA GLU A 122 15.58 -11.87 5.78
C GLU A 122 15.50 -12.06 4.28
N GLY A 123 15.32 -10.95 3.58
CA GLY A 123 15.25 -10.92 2.13
C GLY A 123 15.99 -9.66 1.69
N ASP A 124 16.89 -9.79 0.72
CA ASP A 124 17.66 -8.65 0.23
C ASP A 124 16.93 -7.85 -0.82
N THR A 125 17.30 -6.58 -0.95
CA THR A 125 16.68 -5.70 -1.93
C THR A 125 17.18 -6.04 -3.33
N PRO A 126 16.26 -6.35 -4.25
CA PRO A 126 16.63 -6.70 -5.63
C PRO A 126 17.37 -5.53 -6.30
N LYS A 127 18.06 -5.81 -7.40
CA LYS A 127 18.79 -4.76 -8.11
C LYS A 127 17.85 -3.80 -8.84
N CYS A 128 18.30 -2.57 -9.05
CA CYS A 128 17.49 -1.60 -9.78
C CYS A 128 17.87 -1.81 -11.25
N SER A 129 17.08 -2.64 -11.91
CA SER A 129 17.28 -2.95 -13.32
C SER A 129 16.32 -2.11 -14.15
N LYS A 130 16.87 -1.19 -14.94
CA LYS A 130 16.03 -0.32 -15.75
C LYS A 130 15.69 -0.91 -17.11
N THR A 131 15.03 -2.07 -17.09
CA THR A 131 14.60 -2.76 -18.30
C THR A 131 13.34 -3.53 -17.96
N CYS A 132 12.49 -3.77 -18.96
CA CYS A 132 11.27 -4.51 -18.72
C CYS A 132 11.50 -5.99 -18.99
N GLU A 133 10.62 -6.83 -18.44
CA GLU A 133 10.72 -8.26 -18.62
C GLU A 133 10.65 -8.59 -20.11
N PRO A 134 11.27 -9.71 -20.53
CA PRO A 134 11.23 -10.07 -21.94
C PRO A 134 9.80 -10.25 -22.46
N GLY A 135 9.52 -9.69 -23.62
CA GLY A 135 8.20 -9.80 -24.20
C GLY A 135 7.32 -8.59 -23.93
N TYR A 136 7.72 -7.76 -22.98
CA TYR A 136 6.94 -6.57 -22.64
C TYR A 136 7.29 -5.36 -23.51
N SER A 137 6.29 -4.50 -23.72
CA SER A 137 6.45 -3.28 -24.49
C SER A 137 5.58 -2.22 -23.82
N PRO A 138 6.01 -0.95 -23.84
CA PRO A 138 7.24 -0.42 -24.45
C PRO A 138 8.48 -0.62 -23.57
N SER A 139 9.52 0.16 -23.85
CA SER A 139 10.76 0.07 -23.09
C SER A 139 10.59 0.68 -21.71
N TYR A 140 11.47 0.31 -20.78
CA TYR A 140 11.44 0.81 -19.41
C TYR A 140 11.17 2.30 -19.33
N LYS A 141 11.91 3.07 -20.12
CA LYS A 141 11.77 4.52 -20.15
C LYS A 141 10.37 4.96 -20.56
N GLU A 142 9.83 4.31 -21.58
CA GLU A 142 8.51 4.63 -22.12
C GLU A 142 7.33 4.21 -21.26
N ASP A 143 7.55 3.29 -20.32
CA ASP A 143 6.47 2.80 -19.48
C ASP A 143 6.32 3.51 -18.13
N LYS A 144 7.04 4.63 -17.99
CA LYS A 144 7.01 5.40 -16.76
C LYS A 144 5.72 6.20 -16.57
N HIS A 145 5.10 6.05 -15.40
CA HIS A 145 3.89 6.78 -15.06
C HIS A 145 4.30 7.83 -14.04
N PHE A 146 4.09 9.10 -14.37
CA PHE A 146 4.48 10.16 -13.46
C PHE A 146 3.36 10.76 -12.63
N GLY A 147 3.71 11.19 -11.44
CA GLY A 147 2.75 11.83 -10.55
C GLY A 147 3.01 13.30 -10.76
N CYS A 148 2.01 14.14 -10.52
CA CYS A 148 2.20 15.57 -10.71
C CYS A 148 2.22 16.34 -9.40
N SER A 149 2.03 15.65 -8.28
CA SER A 149 2.07 16.27 -6.95
C SER A 149 2.26 15.21 -5.88
N SER A 150 2.93 15.58 -4.80
CA SER A 150 3.20 14.69 -3.67
C SER A 150 2.98 15.49 -2.40
N TYR A 151 2.02 15.11 -1.58
CA TYR A 151 1.76 15.87 -0.36
C TYR A 151 1.46 15.06 0.88
N SER A 152 1.37 15.75 2.03
CA SER A 152 1.09 15.09 3.31
C SER A 152 -0.22 15.59 3.92
N VAL A 153 -1.11 14.67 4.24
CA VAL A 153 -2.39 15.03 4.83
C VAL A 153 -2.23 15.21 6.33
N ALA A 154 -2.83 16.26 6.87
CA ALA A 154 -2.75 16.57 8.29
C ALA A 154 -3.37 15.50 9.19
N ASN A 155 -2.85 15.42 10.41
CA ASN A 155 -3.34 14.47 11.40
C ASN A 155 -4.70 14.99 11.81
N ASN A 156 -5.68 14.79 10.93
CA ASN A 156 -7.03 15.25 11.17
C ASN A 156 -8.02 14.32 10.48
N GLU A 157 -8.83 13.65 11.30
CA GLU A 157 -9.83 12.70 10.84
C GLU A 157 -10.68 13.20 9.68
N LYS A 158 -11.29 14.37 9.87
CA LYS A 158 -12.13 14.96 8.83
C LYS A 158 -11.36 15.25 7.54
N GLU A 159 -10.14 15.76 7.67
CA GLU A 159 -9.34 16.06 6.48
C GLU A 159 -8.93 14.80 5.75
N ILE A 160 -8.60 13.74 6.49
CA ILE A 160 -8.19 12.47 5.90
C ILE A 160 -9.38 11.82 5.17
N MET A 161 -10.55 11.90 5.80
CA MET A 161 -11.77 11.35 5.21
C MET A 161 -12.07 12.11 3.92
N ALA A 162 -11.96 13.44 3.98
CA ALA A 162 -12.21 14.28 2.82
C ALA A 162 -11.26 13.97 1.68
N GLU A 163 -9.98 13.79 2.00
CA GLU A 163 -8.98 13.50 0.97
C GLU A 163 -9.32 12.22 0.22
N ILE A 164 -9.66 11.16 0.96
CA ILE A 164 -10.02 9.87 0.37
C ILE A 164 -11.31 9.97 -0.43
N TYR A 165 -12.27 10.70 0.14
CA TYR A 165 -13.57 10.89 -0.48
C TYR A 165 -13.48 11.52 -1.87
N LYS A 166 -12.63 12.53 -1.99
CA LYS A 166 -12.47 13.23 -3.26
C LYS A 166 -11.42 12.67 -4.20
N ASN A 167 -10.28 12.23 -3.68
CA ASN A 167 -9.19 11.73 -4.52
C ASN A 167 -8.82 10.26 -4.49
N GLY A 168 -9.46 9.48 -3.61
CA GLY A 168 -9.13 8.06 -3.56
C GLY A 168 -8.27 7.64 -2.39
N PRO A 169 -7.94 6.34 -2.30
CA PRO A 169 -7.10 5.79 -1.23
C PRO A 169 -5.77 6.52 -1.02
N VAL A 170 -5.31 6.52 0.23
CA VAL A 170 -4.05 7.17 0.59
C VAL A 170 -3.14 6.17 1.29
N GLU A 171 -1.89 6.52 1.47
CA GLU A 171 -0.97 5.64 2.17
C GLU A 171 -0.86 6.16 3.60
N GLY A 172 -0.68 5.24 4.53
CA GLY A 172 -0.54 5.62 5.93
C GLY A 172 0.41 4.67 6.61
N ALA A 173 0.60 4.84 7.91
CA ALA A 173 1.50 3.98 8.66
C ALA A 173 1.04 3.95 10.11
N PHE A 174 1.34 2.85 10.81
CA PHE A 174 0.95 2.74 12.20
C PHE A 174 1.89 1.81 12.96
N SER A 175 1.80 1.83 14.29
CA SER A 175 2.66 0.99 15.13
C SER A 175 2.03 -0.38 15.32
N VAL A 176 2.71 -1.39 14.83
CA VAL A 176 2.23 -2.75 14.97
C VAL A 176 2.66 -3.32 16.31
N TYR A 177 1.70 -3.92 17.02
CA TYR A 177 1.97 -4.57 18.30
C TYR A 177 1.62 -6.04 18.09
N SER A 178 2.23 -6.92 18.89
CA SER A 178 2.01 -8.36 18.76
C SER A 178 0.55 -8.82 18.71
N ASP A 179 -0.36 -8.14 19.38
CA ASP A 179 -1.75 -8.59 19.36
C ASP A 179 -2.48 -8.29 18.06
N PHE A 180 -1.79 -7.59 17.15
CA PHE A 180 -2.38 -7.25 15.85
C PHE A 180 -2.11 -8.36 14.85
N LEU A 181 -0.98 -9.04 15.02
CA LEU A 181 -0.58 -10.12 14.13
C LEU A 181 -1.64 -11.18 13.95
N LEU A 182 -2.44 -11.42 14.99
CA LEU A 182 -3.48 -12.43 14.96
C LEU A 182 -4.87 -11.91 14.60
N TYR A 183 -4.92 -10.69 14.08
CA TYR A 183 -6.19 -10.08 13.68
C TYR A 183 -6.97 -10.95 12.69
N LYS A 184 -8.28 -10.99 12.87
CA LYS A 184 -9.16 -11.76 11.98
C LYS A 184 -10.36 -10.95 11.52
N SER A 185 -11.04 -10.29 12.46
CA SER A 185 -12.22 -9.49 12.13
C SER A 185 -12.51 -8.40 13.17
N GLY A 186 -13.55 -7.61 12.91
CA GLY A 186 -13.91 -6.54 13.82
C GLY A 186 -12.97 -5.35 13.72
N VAL A 187 -13.14 -4.41 14.64
CA VAL A 187 -12.32 -3.22 14.67
C VAL A 187 -11.13 -3.47 15.59
N TYR A 188 -9.93 -3.44 15.04
CA TYR A 188 -8.74 -3.65 15.82
C TYR A 188 -8.49 -2.53 16.82
N GLN A 189 -8.05 -2.92 18.00
CA GLN A 189 -7.74 -2.00 19.09
C GLN A 189 -6.61 -2.64 19.87
N HIS A 190 -5.50 -1.93 20.04
CA HIS A 190 -4.37 -2.48 20.77
C HIS A 190 -4.65 -2.55 22.27
N VAL A 191 -4.56 -3.74 22.84
CA VAL A 191 -4.82 -3.92 24.27
C VAL A 191 -3.64 -4.55 25.00
N SER A 192 -2.74 -5.19 24.26
CA SER A 192 -1.58 -5.83 24.86
C SER A 192 -0.58 -6.31 23.81
N GLY A 193 0.67 -6.52 24.22
CA GLY A 193 1.67 -7.00 23.30
C GLY A 193 2.77 -5.99 23.06
N GLU A 194 3.99 -6.46 22.87
CA GLU A 194 5.12 -5.56 22.62
C GLU A 194 5.01 -4.95 21.23
N ILE A 195 5.74 -3.87 21.01
CA ILE A 195 5.70 -3.21 19.71
C ILE A 195 6.68 -3.90 18.76
N MET A 196 6.19 -4.20 17.56
CA MET A 196 6.98 -4.87 16.53
C MET A 196 7.67 -3.84 15.63
N GLY A 197 7.06 -2.67 15.50
CA GLY A 197 7.63 -1.63 14.65
C GLY A 197 6.58 -0.92 13.81
N GLY A 198 7.02 0.05 13.02
CA GLY A 198 6.09 0.78 12.17
C GLY A 198 5.75 0.00 10.91
N HIS A 199 4.53 0.16 10.42
CA HIS A 199 4.10 -0.56 9.22
C HIS A 199 3.21 0.30 8.32
N ALA A 200 3.69 0.58 7.11
CA ALA A 200 2.97 1.37 6.14
C ALA A 200 1.86 0.55 5.47
N ILE A 201 0.71 1.19 5.28
CA ILE A 201 -0.45 0.54 4.66
C ILE A 201 -1.26 1.48 3.75
N ARG A 202 -2.37 0.95 3.26
CA ARG A 202 -3.25 1.68 2.36
C ARG A 202 -4.67 1.83 2.91
N ILE A 203 -5.10 3.07 3.10
CA ILE A 203 -6.44 3.34 3.62
C ILE A 203 -7.41 3.69 2.49
N LEU A 204 -8.46 2.88 2.35
CA LEU A 204 -9.44 3.06 1.29
C LEU A 204 -10.86 3.37 1.73
N GLY A 205 -11.06 3.72 3.00
CA GLY A 205 -12.40 4.01 3.46
C GLY A 205 -12.56 4.02 4.97
N TRP A 206 -13.80 4.15 5.42
CA TRP A 206 -14.12 4.19 6.85
C TRP A 206 -15.55 3.75 7.12
N GLY A 207 -15.87 3.59 8.41
CA GLY A 207 -17.22 3.20 8.78
C GLY A 207 -17.39 3.12 10.28
N VAL A 208 -18.49 2.50 10.71
CA VAL A 208 -18.78 2.34 12.13
C VAL A 208 -19.30 0.92 12.38
N GLU A 209 -18.74 0.25 13.38
CA GLU A 209 -19.15 -1.11 13.72
C GLU A 209 -19.49 -1.22 15.19
N ASN A 210 -20.78 -1.26 15.49
CA ASN A 210 -21.25 -1.33 16.86
C ASN A 210 -20.80 -0.08 17.61
N GLY A 211 -21.11 1.07 17.04
CA GLY A 211 -20.75 2.34 17.65
C GLY A 211 -19.27 2.66 17.56
N THR A 212 -18.47 1.69 17.15
CA THR A 212 -17.03 1.89 17.05
C THR A 212 -16.62 2.37 15.66
N PRO A 213 -16.13 3.61 15.56
CA PRO A 213 -15.71 4.13 14.26
C PRO A 213 -14.37 3.51 13.85
N TYR A 214 -14.16 3.27 12.57
CA TYR A 214 -12.92 2.67 12.10
C TYR A 214 -12.49 3.13 10.72
N TRP A 215 -11.28 2.71 10.33
CA TRP A 215 -10.71 2.99 9.01
C TRP A 215 -10.65 1.66 8.27
N LEU A 216 -10.98 1.67 6.98
CA LEU A 216 -10.92 0.45 6.18
C LEU A 216 -9.51 0.41 5.59
N VAL A 217 -8.73 -0.58 6.01
CA VAL A 217 -7.33 -0.68 5.59
C VAL A 217 -6.95 -1.93 4.80
N GLY A 218 -6.00 -1.77 3.88
CA GLY A 218 -5.52 -2.88 3.08
C GLY A 218 -4.09 -3.21 3.49
N ASN A 219 -3.83 -4.47 3.81
CA ASN A 219 -2.50 -4.87 4.23
C ASN A 219 -1.73 -5.49 3.05
N SER A 220 -0.43 -5.70 3.23
CA SER A 220 0.39 -6.29 2.17
C SER A 220 0.94 -7.66 2.59
N TRP A 221 0.10 -8.45 3.24
CA TRP A 221 0.48 -9.77 3.72
C TRP A 221 -0.37 -10.87 3.11
N ASN A 222 -0.82 -10.66 1.87
CA ASN A 222 -1.63 -11.64 1.16
C ASN A 222 -3.07 -11.70 1.67
N THR A 223 -3.89 -12.52 1.03
CA THR A 223 -5.31 -12.65 1.35
C THR A 223 -5.70 -13.62 2.45
N ASP A 224 -4.79 -14.53 2.83
CA ASP A 224 -5.11 -15.46 3.89
C ASP A 224 -4.81 -14.90 5.29
N TRP A 225 -4.40 -13.63 5.33
CA TRP A 225 -4.15 -12.97 6.61
C TRP A 225 -5.33 -12.03 6.86
N GLY A 226 -5.68 -11.87 8.14
CA GLY A 226 -6.78 -10.98 8.48
C GLY A 226 -8.09 -11.29 7.77
N ASP A 227 -8.84 -10.25 7.47
CA ASP A 227 -10.12 -10.39 6.79
C ASP A 227 -9.90 -10.27 5.28
N ASN A 228 -9.46 -11.37 4.66
CA ASN A 228 -9.19 -11.41 3.24
C ASN A 228 -8.09 -10.43 2.83
N GLY A 229 -7.15 -10.18 3.74
CA GLY A 229 -6.06 -9.26 3.46
C GLY A 229 -6.31 -7.85 4.01
N PHE A 230 -7.56 -7.56 4.38
CA PHE A 230 -7.93 -6.26 4.92
C PHE A 230 -8.14 -6.33 6.42
N PHE A 231 -8.22 -5.15 7.04
CA PHE A 231 -8.50 -5.03 8.46
C PHE A 231 -9.16 -3.69 8.76
N LYS A 232 -9.77 -3.59 9.93
CA LYS A 232 -10.43 -2.36 10.36
C LYS A 232 -9.76 -1.92 11.64
N ILE A 233 -9.49 -0.63 11.76
CA ILE A 233 -8.82 -0.14 12.94
C ILE A 233 -9.52 1.10 13.49
N LEU A 234 -9.53 1.23 14.82
CA LEU A 234 -10.18 2.36 15.48
C LEU A 234 -9.80 3.69 14.84
N ARG A 235 -10.82 4.51 14.56
CA ARG A 235 -10.63 5.81 13.93
C ARG A 235 -11.01 6.94 14.86
N GLY A 236 -10.33 8.08 14.71
CA GLY A 236 -10.62 9.25 15.53
C GLY A 236 -9.80 9.45 16.79
N GLN A 237 -8.82 8.60 17.04
CA GLN A 237 -8.00 8.76 18.23
C GLN A 237 -6.52 8.59 17.91
N ASP A 238 -6.18 8.72 16.63
CA ASP A 238 -4.80 8.55 16.16
C ASP A 238 -4.28 7.27 16.79
N HIS A 239 -5.18 6.29 16.89
CA HIS A 239 -4.89 5.01 17.51
C HIS A 239 -3.68 4.31 16.93
N CYS A 240 -2.67 4.22 17.79
CA CYS A 240 -1.43 3.58 17.45
C CYS A 240 -0.85 4.25 16.16
N GLY A 241 -1.07 5.57 16.09
CA GLY A 241 -0.57 6.41 15.00
C GLY A 241 -1.18 6.35 13.61
N ILE A 242 -2.32 5.69 13.46
CA ILE A 242 -2.95 5.54 12.15
C ILE A 242 -3.23 6.86 11.38
N GLU A 243 -3.44 7.95 12.11
CA GLU A 243 -3.73 9.24 11.46
C GLU A 243 -2.55 10.22 11.41
N SER A 244 -1.40 9.79 11.92
CA SER A 244 -0.22 10.65 12.00
C SER A 244 0.73 10.70 10.82
N GLU A 245 0.57 9.82 9.84
CA GLU A 245 1.48 9.82 8.70
C GLU A 245 0.77 9.57 7.37
N ILE A 246 -0.21 10.39 7.05
CA ILE A 246 -0.96 10.23 5.81
C ILE A 246 -0.30 10.95 4.64
N VAL A 247 0.06 10.19 3.62
CA VAL A 247 0.68 10.78 2.44
C VAL A 247 -0.07 10.31 1.21
N ALA A 248 -0.10 11.17 0.19
CA ALA A 248 -0.79 10.85 -1.06
C ALA A 248 -0.27 11.78 -2.14
N GLY A 249 -1.01 11.86 -3.25
CA GLY A 249 -0.59 12.69 -4.35
C GLY A 249 -1.52 12.47 -5.53
N MET A 250 -1.33 13.26 -6.57
CA MET A 250 -2.17 13.17 -7.76
C MET A 250 -1.37 12.80 -9.01
N PRO A 251 -1.97 11.99 -9.89
CA PRO A 251 -1.28 11.59 -11.12
C PRO A 251 -1.38 12.71 -12.13
N CYS A 252 -0.41 12.82 -13.02
CA CYS A 252 -0.46 13.85 -14.03
C CYS A 252 -1.69 13.57 -14.89
N THR A 253 -2.74 14.39 -14.71
CA THR A 253 -4.00 14.25 -15.43
C THR A 253 -4.47 12.80 -15.50
#